data_6PUB
#
_entry.id   6PUB
#
_cell.length_a   83.255
_cell.length_b   83.255
_cell.length_c   161.812
_cell.angle_alpha   90.000
_cell.angle_beta   90.000
_cell.angle_gamma   120.000
#
_symmetry.space_group_name_H-M   'P 63 2 2'
#
loop_
_entity.id
_entity.type
_entity.pdbx_description
1 polymer 'Chloramphenicol acetyltransferase'
2 non-polymer 'CRYSTAL VIOLET'
3 non-polymer 'SULFATE ION'
4 non-polymer 'CHLORIDE ION'
5 water water
#
_entity_poly.entity_id   1
_entity_poly.type   'polypeptide(L)'
_entity_poly.pdbx_seq_one_letter_code
;SNAMNFFTSPFSGIPLDQQVTNPNIIVGKHSYYSGYYHGHSFDDCVRYLHPERDDVDKLVIGSFCSIGSGAVFMMAGNQG
HRSDWISTFPFFYQDNDNFADARDGFTRSGDTIIGHDVWIGTEAMIMPGVKIGHGAIIASRSVVTKDVAPYEVVGSNPAK
HIKFRFSDVEIAMLLEMAWWNWPESWLKESMQSLCSSDIEGLYLNWQSKART
;
_entity_poly.pdbx_strand_id   A
#
loop_
_chem_comp.id
_chem_comp.type
_chem_comp.name
_chem_comp.formula
CL non-polymer 'CHLORIDE ION' 'Cl -1'
CVI non-polymer 'CRYSTAL VIOLET' 'C25 H30 N3 1'
SO4 non-polymer 'SULFATE ION' 'O4 S -2'
#
# COMPACT_ATOMS: atom_id res chain seq x y z
N SER A 1 35.10 -7.85 -2.29
CA SER A 1 34.85 -7.32 -0.96
C SER A 1 33.93 -8.26 -0.18
N ASN A 2 33.30 -7.72 0.87
CA ASN A 2 32.55 -8.54 1.82
C ASN A 2 31.31 -9.13 1.16
N ALA A 3 30.77 -10.17 1.82
CA ALA A 3 29.49 -10.74 1.42
C ALA A 3 28.32 -9.82 1.76
N MET A 4 28.56 -8.74 2.50
CA MET A 4 27.51 -7.78 2.80
C MET A 4 27.06 -7.04 1.54
N ASN A 5 27.94 -6.92 0.55
CA ASN A 5 27.56 -6.24 -0.69
C ASN A 5 26.47 -6.98 -1.44
N PHE A 6 26.33 -8.29 -1.21
CA PHE A 6 25.26 -9.05 -1.86
C PHE A 6 23.91 -8.74 -1.25
N PHE A 7 23.88 -8.32 0.00
CA PHE A 7 22.64 -8.13 0.74
C PHE A 7 22.05 -6.75 0.48
N THR A 8 20.80 -6.57 0.91
CA THR A 8 20.12 -5.28 0.88
C THR A 8 19.70 -4.89 2.29
N SER A 9 19.46 -3.60 2.48
CA SER A 9 19.25 -3.06 3.81
C SER A 9 17.87 -3.44 4.35
N PRO A 10 17.76 -3.74 5.64
CA PRO A 10 16.44 -3.86 6.25
C PRO A 10 15.80 -2.52 6.54
N PHE A 11 16.59 -1.45 6.70
CA PHE A 11 16.07 -0.12 6.92
C PHE A 11 15.76 0.61 5.63
N SER A 12 16.37 0.21 4.52
CA SER A 12 16.16 0.88 3.25
C SER A 12 15.82 -0.12 2.14
N GLY A 13 15.93 0.31 0.89
CA GLY A 13 15.68 -0.58 -0.22
C GLY A 13 15.57 0.20 -1.51
N ILE A 14 15.29 -0.53 -2.58
CA ILE A 14 15.15 0.09 -3.89
C ILE A 14 13.87 0.93 -3.92
N PRO A 15 13.95 2.21 -4.27
CA PRO A 15 12.74 3.03 -4.33
C PRO A 15 11.74 2.48 -5.34
N LEU A 16 10.46 2.72 -5.06
CA LEU A 16 9.41 2.20 -5.93
C LEU A 16 9.46 2.84 -7.30
N ASP A 17 9.65 4.16 -7.37
CA ASP A 17 9.70 4.82 -8.67
C ASP A 17 11.00 4.58 -9.42
N GLN A 18 11.82 3.64 -8.96
CA GLN A 18 13.03 3.23 -9.67
C GLN A 18 12.98 1.78 -10.13
N GLN A 19 11.89 1.06 -9.87
CA GLN A 19 11.77 -0.33 -10.27
C GLN A 19 10.39 -0.70 -10.81
N VAL A 20 9.36 0.12 -10.62
CA VAL A 20 8.02 -0.23 -11.07
C VAL A 20 7.94 -0.09 -12.59
N THR A 21 7.50 -1.16 -13.26
CA THR A 21 7.29 -1.14 -14.70
C THR A 21 5.83 -1.19 -15.11
N ASN A 22 4.95 -1.68 -14.24
CA ASN A 22 3.53 -1.74 -14.56
C ASN A 22 2.94 -0.34 -14.59
N PRO A 23 2.36 0.10 -15.70
CA PRO A 23 1.80 1.47 -15.76
C PRO A 23 0.57 1.66 -14.90
N ASN A 24 -0.07 0.59 -14.43
CA ASN A 24 -1.22 0.70 -13.54
C ASN A 24 -0.82 0.76 -12.07
N ILE A 25 0.45 1.04 -11.78
CA ILE A 25 0.94 1.22 -10.43
C ILE A 25 1.47 2.64 -10.32
N ILE A 26 0.79 3.47 -9.53
CA ILE A 26 1.20 4.84 -9.28
C ILE A 26 1.89 4.88 -7.92
N VAL A 27 3.15 5.31 -7.89
CA VAL A 27 3.95 5.35 -6.68
C VAL A 27 4.52 6.75 -6.50
N GLY A 28 4.65 7.16 -5.23
CA GLY A 28 5.27 8.42 -4.90
C GLY A 28 6.77 8.30 -4.71
N LYS A 29 7.39 9.44 -4.45
CA LYS A 29 8.84 9.48 -4.28
C LYS A 29 9.23 8.88 -2.93
N HIS A 30 10.48 8.41 -2.88
CA HIS A 30 11.14 7.92 -1.65
C HIS A 30 10.52 6.62 -1.13
N SER A 31 9.32 6.28 -1.56
CA SER A 31 8.74 5.00 -1.18
C SER A 31 9.59 3.86 -1.72
N TYR A 32 9.93 2.91 -0.85
CA TYR A 32 10.84 1.84 -1.20
C TYR A 32 10.24 0.49 -0.83
N TYR A 33 10.86 -0.58 -1.32
CA TYR A 33 10.48 -1.95 -1.03
C TYR A 33 11.74 -2.75 -0.75
N SER A 34 11.84 -3.31 0.45
CA SER A 34 12.99 -4.13 0.83
C SER A 34 12.54 -5.59 0.81
N GLY A 35 12.74 -6.24 -0.33
CA GLY A 35 12.29 -7.62 -0.49
C GLY A 35 13.41 -8.60 -0.78
N TYR A 36 14.43 -8.62 0.09
CA TYR A 36 15.55 -9.55 -0.12
C TYR A 36 15.11 -11.00 0.05
N TYR A 37 14.25 -11.28 1.04
CA TYR A 37 13.86 -12.64 1.37
C TYR A 37 12.71 -13.14 0.52
N HIS A 38 12.42 -12.49 -0.60
CA HIS A 38 11.45 -13.00 -1.55
C HIS A 38 11.92 -12.85 -3.00
N GLY A 39 13.14 -12.37 -3.24
CA GLY A 39 13.74 -12.36 -4.55
C GLY A 39 13.17 -11.36 -5.53
N HIS A 40 11.89 -11.52 -5.86
CA HIS A 40 11.28 -10.72 -6.92
C HIS A 40 11.20 -9.24 -6.52
N SER A 41 11.05 -8.40 -7.53
CA SER A 41 10.93 -6.95 -7.33
C SER A 41 9.51 -6.62 -6.87
N PHE A 42 9.19 -5.33 -6.80
CA PHE A 42 7.88 -4.92 -6.32
C PHE A 42 6.77 -5.21 -7.33
N ASP A 43 7.11 -5.31 -8.63
CA ASP A 43 6.10 -5.61 -9.63
C ASP A 43 5.45 -6.96 -9.37
N ASP A 44 6.19 -7.92 -8.81
CA ASP A 44 5.65 -9.23 -8.50
C ASP A 44 4.96 -9.28 -7.15
N CYS A 45 5.11 -8.25 -6.32
CA CYS A 45 4.27 -8.13 -5.13
C CYS A 45 2.82 -7.80 -5.49
N VAL A 46 2.61 -7.20 -6.66
CA VAL A 46 1.28 -6.84 -7.14
C VAL A 46 0.78 -7.98 -8.00
N ARG A 47 -0.31 -8.62 -7.58
CA ARG A 47 -0.76 -9.87 -8.20
C ARG A 47 -1.91 -9.62 -9.15
N TYR A 48 -1.75 -10.08 -10.40
CA TYR A 48 -2.81 -10.09 -11.40
C TYR A 48 -3.30 -8.68 -11.73
N LEU A 49 -2.36 -7.76 -11.91
CA LEU A 49 -2.68 -6.40 -12.37
C LEU A 49 -2.30 -6.30 -13.83
N HIS A 50 -3.32 -6.24 -14.70
CA HIS A 50 -3.10 -6.22 -16.14
C HIS A 50 -2.32 -4.96 -16.53
N PRO A 51 -1.11 -5.09 -17.06
CA PRO A 51 -0.29 -3.91 -17.39
C PRO A 51 -0.62 -3.27 -18.72
N GLU A 52 -1.65 -3.72 -19.44
CA GLU A 52 -1.97 -3.19 -20.76
C GLU A 52 -3.42 -2.76 -20.89
N ARG A 53 -4.17 -2.69 -19.79
CA ARG A 53 -5.56 -2.27 -19.81
C ARG A 53 -5.75 -1.04 -18.94
N ASP A 54 -6.65 -0.16 -19.37
CA ASP A 54 -6.93 1.09 -18.66
C ASP A 54 -8.29 1.08 -17.97
N ASP A 55 -8.99 -0.04 -17.99
CA ASP A 55 -10.31 -0.17 -17.38
C ASP A 55 -10.31 -1.18 -16.23
N VAL A 56 -9.20 -1.23 -15.49
CA VAL A 56 -9.04 -2.16 -14.38
C VAL A 56 -8.73 -1.36 -13.11
N ASP A 57 -8.82 -2.05 -11.98
CA ASP A 57 -8.47 -1.43 -10.71
C ASP A 57 -6.98 -1.12 -10.69
N LYS A 58 -6.65 0.08 -10.20
CA LYS A 58 -5.27 0.54 -10.15
C LYS A 58 -4.74 0.49 -8.71
N LEU A 59 -3.42 0.47 -8.60
CA LEU A 59 -2.72 0.50 -7.32
C LEU A 59 -2.01 1.84 -7.20
N VAL A 60 -2.45 2.66 -6.25
CA VAL A 60 -1.88 3.98 -6.00
C VAL A 60 -1.21 3.95 -4.64
N ILE A 61 0.07 4.35 -4.62
CA ILE A 61 0.87 4.35 -3.38
C ILE A 61 1.48 5.74 -3.23
N GLY A 62 1.36 6.31 -2.03
CA GLY A 62 1.88 7.63 -1.76
C GLY A 62 3.40 7.63 -1.62
N SER A 63 3.90 8.73 -1.05
CA SER A 63 5.33 8.93 -0.87
C SER A 63 5.74 8.59 0.56
N PHE A 64 7.04 8.35 0.74
CA PHE A 64 7.63 8.06 2.04
C PHE A 64 7.01 6.80 2.67
N CYS A 65 6.71 5.81 1.83
CA CYS A 65 6.14 4.55 2.29
C CYS A 65 7.24 3.51 2.46
N SER A 66 7.07 2.66 3.47
CA SER A 66 8.00 1.56 3.74
C SER A 66 7.23 0.26 3.62
N ILE A 67 7.67 -0.61 2.70
CA ILE A 67 6.99 -1.86 2.39
C ILE A 67 7.95 -3.00 2.67
N GLY A 68 7.57 -3.88 3.60
CA GLY A 68 8.41 -4.99 3.97
C GLY A 68 8.44 -6.08 2.91
N SER A 69 9.31 -7.06 3.16
CA SER A 69 9.52 -8.13 2.19
C SER A 69 8.30 -9.05 2.11
N GLY A 70 7.93 -9.41 0.90
CA GLY A 70 6.86 -10.37 0.69
C GLY A 70 5.45 -9.81 0.81
N ALA A 71 5.30 -8.49 0.83
CA ALA A 71 3.97 -7.90 0.85
C ALA A 71 3.22 -8.26 -0.43
N VAL A 72 1.90 -8.44 -0.30
CA VAL A 72 1.06 -8.89 -1.40
C VAL A 72 -0.06 -7.87 -1.59
N PHE A 73 -0.31 -7.50 -2.84
CA PHE A 73 -1.39 -6.59 -3.21
C PHE A 73 -2.27 -7.29 -4.24
N MET A 74 -3.43 -7.78 -3.80
CA MET A 74 -4.36 -8.44 -4.71
C MET A 74 -5.07 -7.39 -5.57
N MET A 75 -4.94 -7.52 -6.89
CA MET A 75 -5.41 -6.50 -7.82
C MET A 75 -6.22 -7.12 -8.96
N ALA A 76 -7.11 -8.06 -8.63
CA ALA A 76 -7.94 -8.71 -9.63
C ALA A 76 -9.39 -8.85 -9.19
N GLY A 77 -9.80 -8.07 -8.19
CA GLY A 77 -11.17 -8.15 -7.71
C GLY A 77 -11.47 -9.52 -7.14
N ASN A 78 -12.67 -10.01 -7.45
CA ASN A 78 -13.09 -11.34 -7.01
C ASN A 78 -12.50 -12.45 -7.87
N GLN A 79 -11.74 -12.11 -8.91
CA GLN A 79 -11.14 -13.08 -9.83
C GLN A 79 -12.22 -13.98 -10.44
N GLY A 80 -13.39 -13.42 -10.70
CA GLY A 80 -14.46 -14.14 -11.36
C GLY A 80 -15.27 -15.06 -10.48
N HIS A 81 -15.07 -15.02 -9.17
CA HIS A 81 -15.78 -15.89 -8.24
C HIS A 81 -16.91 -15.12 -7.59
N ARG A 82 -18.15 -15.54 -7.86
CA ARG A 82 -19.34 -14.93 -7.27
C ARG A 82 -19.84 -15.85 -6.17
N SER A 83 -19.63 -15.45 -4.92
CA SER A 83 -20.10 -16.25 -3.79
C SER A 83 -21.62 -16.27 -3.72
N ASP A 84 -22.29 -15.21 -4.18
CA ASP A 84 -23.74 -15.16 -4.17
C ASP A 84 -24.36 -16.06 -5.24
N TRP A 85 -23.60 -16.44 -6.25
CA TRP A 85 -24.10 -17.35 -7.27
C TRP A 85 -24.07 -18.79 -6.76
N ILE A 86 -24.70 -19.68 -7.52
CA ILE A 86 -24.78 -21.08 -7.13
C ILE A 86 -23.39 -21.69 -7.00
N SER A 87 -22.51 -21.39 -7.95
CA SER A 87 -21.15 -21.92 -7.97
C SER A 87 -20.15 -20.78 -8.01
N THR A 88 -19.04 -20.97 -7.32
CA THR A 88 -17.91 -20.05 -7.39
C THR A 88 -16.95 -20.39 -8.53
N PHE A 89 -17.19 -21.50 -9.23
CA PHE A 89 -16.33 -21.90 -10.33
C PHE A 89 -16.54 -20.98 -11.52
N PRO A 90 -15.50 -20.28 -12.00
CA PRO A 90 -15.68 -19.34 -13.11
C PRO A 90 -15.88 -20.04 -14.45
N PHE A 91 -17.11 -20.45 -14.76
CA PHE A 91 -17.38 -21.09 -16.04
C PHE A 91 -17.07 -20.18 -17.21
N PHE A 92 -17.21 -18.85 -17.01
CA PHE A 92 -17.01 -17.90 -18.09
C PHE A 92 -15.57 -17.85 -18.58
N TYR A 93 -14.61 -18.25 -17.75
CA TYR A 93 -13.19 -18.15 -18.09
C TYR A 93 -12.55 -19.49 -18.39
N GLN A 94 -13.35 -20.54 -18.59
CA GLN A 94 -12.85 -21.84 -19.03
C GLN A 94 -13.33 -22.07 -20.46
N ASP A 95 -12.38 -22.22 -21.38
CA ASP A 95 -12.74 -22.44 -22.79
C ASP A 95 -13.30 -23.85 -22.94
N ASN A 96 -14.62 -23.96 -22.93
CA ASN A 96 -15.29 -25.25 -23.03
C ASN A 96 -16.65 -25.02 -23.65
N ASP A 97 -16.99 -25.82 -24.67
CA ASP A 97 -18.25 -25.64 -25.38
C ASP A 97 -19.45 -25.81 -24.46
N ASN A 98 -19.31 -26.60 -23.40
CA ASN A 98 -20.39 -26.78 -22.44
C ASN A 98 -20.56 -25.58 -21.52
N PHE A 99 -19.61 -24.64 -21.52
CA PHE A 99 -19.70 -23.44 -20.70
C PHE A 99 -19.90 -22.18 -21.54
N ALA A 100 -20.46 -22.33 -22.75
CA ALA A 100 -20.53 -21.21 -23.67
C ALA A 100 -21.50 -20.13 -23.20
N ASP A 101 -22.61 -20.54 -22.59
CA ASP A 101 -23.66 -19.61 -22.16
C ASP A 101 -23.51 -19.18 -20.71
N ALA A 102 -22.29 -19.20 -20.17
CA ALA A 102 -22.06 -18.73 -18.81
C ALA A 102 -21.98 -17.20 -18.78
N ARG A 103 -22.22 -16.63 -17.60
N ARG A 103 -22.24 -16.63 -17.61
CA ARG A 103 -22.16 -15.19 -17.41
CA ARG A 103 -22.16 -15.20 -17.40
C ARG A 103 -20.88 -14.81 -16.69
C ARG A 103 -20.83 -14.84 -16.75
N ASP A 104 -20.36 -13.63 -17.02
CA ASP A 104 -19.11 -13.15 -16.45
C ASP A 104 -19.30 -12.83 -14.98
N GLY A 105 -18.59 -13.55 -14.12
CA GLY A 105 -18.64 -13.34 -12.69
C GLY A 105 -17.62 -12.37 -12.15
N PHE A 106 -16.78 -11.79 -12.99
CA PHE A 106 -15.78 -10.85 -12.52
C PHE A 106 -16.43 -9.54 -12.09
N THR A 107 -15.97 -9.00 -10.96
CA THR A 107 -16.46 -7.73 -10.45
C THR A 107 -15.29 -6.94 -9.89
N ARG A 108 -15.14 -5.70 -10.34
CA ARG A 108 -14.07 -4.86 -9.84
C ARG A 108 -14.32 -4.47 -8.39
N SER A 109 -13.24 -4.18 -7.68
CA SER A 109 -13.32 -3.77 -6.28
C SER A 109 -12.92 -2.32 -6.07
N GLY A 110 -12.55 -1.60 -7.12
CA GLY A 110 -12.03 -0.25 -6.99
C GLY A 110 -10.53 -0.24 -6.82
N ASP A 111 -9.97 0.97 -6.93
CA ASP A 111 -8.53 1.13 -6.80
C ASP A 111 -8.06 0.84 -5.38
N THR A 112 -6.90 0.21 -5.27
CA THR A 112 -6.21 0.06 -4.00
C THR A 112 -5.34 1.29 -3.79
N ILE A 113 -5.65 2.09 -2.77
CA ILE A 113 -5.01 3.38 -2.54
C ILE A 113 -4.25 3.31 -1.22
N ILE A 114 -2.94 3.47 -1.29
CA ILE A 114 -2.07 3.54 -0.12
C ILE A 114 -1.64 4.99 0.05
N GLY A 115 -1.90 5.55 1.23
CA GLY A 115 -1.60 6.95 1.48
C GLY A 115 -0.11 7.19 1.66
N HIS A 116 0.20 8.40 2.12
CA HIS A 116 1.58 8.78 2.40
C HIS A 116 2.02 8.26 3.76
N ASP A 117 3.33 8.03 3.89
CA ASP A 117 3.95 7.66 5.15
C ASP A 117 3.32 6.41 5.75
N VAL A 118 3.03 5.43 4.91
CA VAL A 118 2.42 4.17 5.33
C VAL A 118 3.49 3.12 5.51
N TRP A 119 3.50 2.47 6.67
CA TRP A 119 4.43 1.39 6.97
C TRP A 119 3.69 0.07 6.84
N ILE A 120 4.07 -0.73 5.83
CA ILE A 120 3.44 -2.02 5.57
C ILE A 120 4.42 -3.11 5.99
N GLY A 121 4.02 -3.89 6.99
CA GLY A 121 4.87 -4.94 7.50
C GLY A 121 5.12 -6.04 6.49
N THR A 122 6.13 -6.86 6.78
CA THR A 122 6.54 -7.92 5.86
C THR A 122 5.44 -8.97 5.74
N GLU A 123 5.27 -9.48 4.52
CA GLU A 123 4.34 -10.58 4.22
C GLU A 123 2.90 -10.23 4.56
N ALA A 124 2.56 -8.95 4.53
CA ALA A 124 1.18 -8.51 4.70
C ALA A 124 0.47 -8.56 3.36
N MET A 125 -0.80 -8.95 3.39
CA MET A 125 -1.61 -9.07 2.19
C MET A 125 -2.70 -8.01 2.20
N ILE A 126 -2.80 -7.25 1.11
CA ILE A 126 -3.79 -6.18 0.96
C ILE A 126 -4.85 -6.66 -0.02
N MET A 127 -6.09 -6.77 0.46
CA MET A 127 -7.18 -7.22 -0.38
C MET A 127 -7.56 -6.12 -1.38
N PRO A 128 -8.22 -6.49 -2.48
CA PRO A 128 -8.55 -5.49 -3.51
C PRO A 128 -9.50 -4.42 -2.98
N GLY A 129 -9.34 -3.21 -3.50
CA GLY A 129 -10.21 -2.10 -3.17
C GLY A 129 -9.99 -1.48 -1.81
N VAL A 130 -8.95 -1.88 -1.09
CA VAL A 130 -8.71 -1.37 0.25
C VAL A 130 -8.03 -0.02 0.17
N LYS A 131 -8.50 0.94 0.97
CA LYS A 131 -7.90 2.25 1.11
C LYS A 131 -7.22 2.34 2.47
N ILE A 132 -5.97 2.79 2.48
CA ILE A 132 -5.18 2.91 3.70
C ILE A 132 -4.78 4.37 3.87
N GLY A 133 -5.19 4.98 4.97
CA GLY A 133 -4.95 6.39 5.18
C GLY A 133 -3.49 6.73 5.44
N HIS A 134 -3.22 8.03 5.45
CA HIS A 134 -1.86 8.51 5.67
C HIS A 134 -1.37 8.15 7.06
N GLY A 135 -0.10 7.77 7.15
CA GLY A 135 0.52 7.49 8.43
C GLY A 135 0.12 6.19 9.08
N ALA A 136 -0.70 5.37 8.43
CA ALA A 136 -1.12 4.11 9.02
C ALA A 136 0.05 3.13 9.08
N ILE A 137 -0.08 2.14 9.95
CA ILE A 137 0.93 1.10 10.14
C ILE A 137 0.25 -0.25 9.97
N ILE A 138 0.69 -1.03 8.99
CA ILE A 138 0.19 -2.37 8.74
C ILE A 138 1.18 -3.35 9.37
N ALA A 139 0.73 -4.07 10.39
CA ALA A 139 1.61 -5.02 11.06
C ALA A 139 1.97 -6.17 10.12
N SER A 140 3.05 -6.86 10.45
CA SER A 140 3.50 -7.98 9.64
C SER A 140 2.44 -9.09 9.65
N ARG A 141 2.37 -9.81 8.53
CA ARG A 141 1.45 -10.94 8.34
C ARG A 141 -0.02 -10.51 8.44
N SER A 142 -0.32 -9.23 8.26
CA SER A 142 -1.69 -8.76 8.32
C SER A 142 -2.43 -9.09 7.03
N VAL A 143 -3.73 -9.30 7.15
CA VAL A 143 -4.62 -9.49 5.99
C VAL A 143 -5.64 -8.36 6.05
N VAL A 144 -5.38 -7.29 5.31
CA VAL A 144 -6.19 -6.08 5.38
C VAL A 144 -7.38 -6.27 4.43
N THR A 145 -8.55 -6.55 5.01
CA THR A 145 -9.77 -6.74 4.24
C THR A 145 -10.67 -5.52 4.23
N LYS A 146 -10.42 -4.53 5.09
CA LYS A 146 -11.22 -3.32 5.17
C LYS A 146 -10.31 -2.10 5.13
N ASP A 147 -10.93 -0.93 5.01
CA ASP A 147 -10.17 0.31 4.96
C ASP A 147 -9.50 0.58 6.30
N VAL A 148 -8.37 1.29 6.25
CA VAL A 148 -7.59 1.65 7.43
C VAL A 148 -7.58 3.17 7.56
N ALA A 149 -7.95 3.66 8.73
CA ALA A 149 -8.01 5.09 8.98
C ALA A 149 -6.59 5.69 9.00
N PRO A 150 -6.48 7.00 8.78
CA PRO A 150 -5.16 7.63 8.85
C PRO A 150 -4.53 7.47 10.22
N TYR A 151 -3.24 7.11 10.24
CA TYR A 151 -2.47 6.94 11.46
C TYR A 151 -3.06 5.87 12.38
N GLU A 152 -3.71 4.87 11.79
CA GLU A 152 -4.25 3.75 12.54
C GLU A 152 -3.32 2.55 12.42
N VAL A 153 -3.09 1.88 13.54
CA VAL A 153 -2.29 0.66 13.59
C VAL A 153 -3.24 -0.52 13.61
N VAL A 154 -3.08 -1.42 12.63
CA VAL A 154 -3.92 -2.61 12.54
C VAL A 154 -3.02 -3.83 12.38
N GLY A 155 -3.57 -4.99 12.75
CA GLY A 155 -2.85 -6.23 12.65
C GLY A 155 -3.81 -7.40 12.68
N SER A 156 -3.22 -8.61 12.66
CA SER A 156 -3.93 -9.89 12.72
C SER A 156 -4.62 -10.23 11.40
N ASN A 157 -5.26 -11.39 11.36
CA ASN A 157 -5.88 -11.91 10.13
C ASN A 157 -7.29 -12.38 10.47
N PRO A 158 -8.34 -11.65 10.03
CA PRO A 158 -8.27 -10.40 9.26
C PRO A 158 -7.81 -9.22 10.11
N ALA A 159 -7.34 -8.16 9.44
CA ALA A 159 -6.79 -7.02 10.15
C ALA A 159 -7.86 -6.33 10.98
N LYS A 160 -7.53 -6.03 12.23
CA LYS A 160 -8.43 -5.35 13.14
C LYS A 160 -7.68 -4.22 13.85
N HIS A 161 -8.46 -3.32 14.46
CA HIS A 161 -7.89 -2.12 15.06
C HIS A 161 -7.03 -2.49 16.27
N ILE A 162 -5.83 -1.92 16.33
CA ILE A 162 -4.95 -2.10 17.48
C ILE A 162 -4.92 -0.80 18.29
N LYS A 163 -4.59 0.29 17.63
CA LYS A 163 -4.49 1.59 18.29
C LYS A 163 -4.31 2.65 17.20
N PHE A 164 -4.46 3.91 17.63
CA PHE A 164 -4.08 5.06 16.82
C PHE A 164 -2.72 5.55 17.30
N ARG A 165 -1.88 5.99 16.35
CA ARG A 165 -0.54 6.42 16.70
C ARG A 165 -0.55 7.65 17.59
N PHE A 166 -1.46 8.59 17.33
CA PHE A 166 -1.50 9.85 18.05
C PHE A 166 -2.96 10.21 18.35
N SER A 167 -3.14 11.30 19.09
CA SER A 167 -4.48 11.78 19.42
C SER A 167 -5.15 12.38 18.20
N ASP A 168 -6.46 12.62 18.32
CA ASP A 168 -7.23 13.18 17.22
C ASP A 168 -6.75 14.57 16.84
N VAL A 169 -6.31 15.36 17.82
CA VAL A 169 -5.79 16.70 17.51
C VAL A 169 -4.48 16.59 16.75
N GLU A 170 -3.59 15.70 17.19
CA GLU A 170 -2.31 15.53 16.51
C GLU A 170 -2.49 14.99 15.11
N ILE A 171 -3.42 14.04 14.93
CA ILE A 171 -3.69 13.51 13.60
C ILE A 171 -4.21 14.62 12.68
N ALA A 172 -5.11 15.46 13.21
CA ALA A 172 -5.62 16.58 12.43
C ALA A 172 -4.50 17.55 12.07
N MET A 173 -3.55 17.75 12.98
CA MET A 173 -2.43 18.63 12.69
C MET A 173 -1.57 18.08 11.55
N LEU A 174 -1.29 16.78 11.58
CA LEU A 174 -0.45 16.18 10.54
C LEU A 174 -1.17 16.16 9.19
N LEU A 175 -2.49 15.93 9.20
CA LEU A 175 -3.23 15.92 7.95
C LEU A 175 -3.29 17.30 7.31
N GLU A 176 -3.30 18.37 8.12
CA GLU A 176 -3.29 19.71 7.56
C GLU A 176 -1.88 20.13 7.15
N MET A 177 -0.87 19.74 7.93
CA MET A 177 0.51 20.06 7.58
C MET A 177 0.90 19.40 6.26
N ALA A 178 0.71 18.08 6.16
CA ALA A 178 1.07 17.31 4.99
C ALA A 178 2.54 17.53 4.61
N TRP A 179 3.43 17.13 5.53
CA TRP A 179 4.86 17.34 5.31
C TRP A 179 5.37 16.57 4.10
N TRP A 180 4.67 15.52 3.67
CA TRP A 180 5.08 14.78 2.48
C TRP A 180 4.99 15.62 1.22
N ASN A 181 4.27 16.74 1.25
CA ASN A 181 4.18 17.64 0.12
C ASN A 181 5.01 18.92 0.30
N TRP A 182 5.75 19.02 1.40
CA TRP A 182 6.63 20.16 1.61
C TRP A 182 7.77 20.14 0.58
N PRO A 183 8.34 21.31 0.28
CA PRO A 183 9.58 21.32 -0.51
C PRO A 183 10.68 20.57 0.20
N GLU A 184 11.65 20.08 -0.59
CA GLU A 184 12.76 19.31 -0.03
C GLU A 184 13.54 20.11 1.00
N SER A 185 13.60 21.44 0.84
CA SER A 185 14.34 22.26 1.79
C SER A 185 13.64 22.34 3.14
N TRP A 186 12.31 22.21 3.16
CA TRP A 186 11.58 22.24 4.43
C TRP A 186 11.81 20.97 5.23
N LEU A 187 11.88 19.83 4.55
CA LEU A 187 12.16 18.57 5.23
C LEU A 187 13.57 18.55 5.80
N LYS A 188 14.54 19.08 5.05
CA LYS A 188 15.91 19.15 5.53
C LYS A 188 16.01 20.03 6.77
N GLU A 189 15.20 21.08 6.84
CA GLU A 189 15.22 21.95 8.02
C GLU A 189 14.54 21.30 9.21
N SER A 190 13.55 20.44 8.97
CA SER A 190 12.75 19.84 10.03
C SER A 190 13.05 18.35 10.21
N MET A 191 14.27 17.92 9.88
CA MET A 191 14.62 16.51 10.04
C MET A 191 14.63 16.11 11.51
N GLN A 192 15.15 16.99 12.38
CA GLN A 192 15.16 16.68 13.81
C GLN A 192 13.74 16.63 14.37
N SER A 193 12.83 17.45 13.85
CA SER A 193 11.45 17.44 14.34
C SER A 193 10.68 16.24 13.82
N LEU A 194 10.89 15.87 12.55
CA LEU A 194 10.24 14.70 11.98
C LEU A 194 10.69 13.40 12.65
N CYS A 195 11.87 13.40 13.27
CA CYS A 195 12.38 12.25 14.00
C CYS A 195 12.11 12.37 15.49
N SER A 196 10.90 12.79 15.85
CA SER A 196 10.51 12.95 17.25
C SER A 196 9.00 12.81 17.34
N SER A 197 8.50 12.80 18.57
CA SER A 197 7.07 12.73 18.85
C SER A 197 6.44 14.10 19.03
N ASP A 198 7.19 15.17 18.82
CA ASP A 198 6.71 16.53 19.05
C ASP A 198 5.96 17.02 17.81
N ILE A 199 4.73 16.53 17.68
CA ILE A 199 3.87 16.94 16.58
C ILE A 199 3.36 18.35 16.79
N GLU A 200 2.94 18.66 18.03
CA GLU A 200 2.36 19.96 18.31
C GLU A 200 3.39 21.08 18.15
N GLY A 201 4.65 20.81 18.53
CA GLY A 201 5.68 21.81 18.34
C GLY A 201 5.97 22.09 16.87
N LEU A 202 6.01 21.04 16.05
CA LEU A 202 6.22 21.24 14.62
C LEU A 202 5.03 21.92 13.97
N TYR A 203 3.82 21.63 14.44
CA TYR A 203 2.63 22.28 13.90
C TYR A 203 2.64 23.78 14.17
N LEU A 204 3.11 24.18 15.36
CA LEU A 204 3.21 25.60 15.67
C LEU A 204 4.28 26.27 14.81
N ASN A 205 5.39 25.58 14.55
CA ASN A 205 6.42 26.13 13.69
C ASN A 205 5.93 26.25 12.26
N TRP A 206 5.20 25.25 11.76
CA TRP A 206 4.69 25.29 10.39
C TRP A 206 3.65 26.39 10.20
N GLN A 207 2.91 26.73 11.25
CA GLN A 207 1.91 27.80 11.14
C GLN A 207 2.57 29.14 10.89
N SER A 208 3.68 29.41 11.57
CA SER A 208 4.34 30.71 11.42
C SER A 208 4.95 30.87 10.03
N LYS A 209 5.50 29.78 9.47
CA LYS A 209 6.13 29.87 8.17
C LYS A 209 5.10 30.02 7.05
N ALA A 210 4.20 29.05 6.94
CA ALA A 210 3.15 29.10 5.92
C ALA A 210 1.93 29.85 6.43
C1 CVI B . 22.30 -5.45 6.98
C2 CVI B . 22.21 -4.97 8.42
C3 CVI B . 22.46 -3.65 8.77
C4 CVI B . 22.37 -3.22 10.09
C5 CVI B . 22.01 -4.11 11.09
C6 CVI B . 21.76 -5.43 10.76
C7 CVI B . 21.84 -5.86 9.43
C8 CVI B . 22.02 -6.89 6.64
C9 CVI B . 22.88 -7.89 7.12
C10 CVI B . 22.64 -9.22 6.81
C11 CVI B . 21.55 -9.57 6.02
C12 CVI B . 20.69 -8.58 5.55
C13 CVI B . 20.93 -7.24 5.85
C14 CVI B . 22.68 -4.55 5.82
C15 CVI B . 23.48 -5.07 4.80
C16 CVI B . 23.84 -4.28 3.71
C17 CVI B . 23.40 -2.96 3.64
C18 CVI B . 22.61 -2.44 4.65
C19 CVI B . 22.25 -3.24 5.73
C20 CVI B . 21.55 -4.59 13.44
C21 CVI B . 22.20 -2.28 12.70
C22 CVI B . 20.91 -11.31 4.39
C23 CVI B . 21.54 -11.92 6.74
C24 CVI B . 23.66 -0.69 2.68
C25 CVI B . 24.21 -2.72 1.30
N1 CVI B . 21.93 -3.67 12.37
N2 CVI B . 21.33 -10.92 5.72
N3 CVI B . 23.75 -2.14 2.56
S SO4 C . -26.27 -10.65 -11.00
O1 SO4 C . -25.94 -11.77 -10.12
O2 SO4 C . -25.71 -10.90 -12.33
O3 SO4 C . -27.72 -10.52 -11.10
O4 SO4 C . -25.71 -9.42 -10.45
S SO4 D . -1.88 14.32 -1.83
O1 SO4 D . -2.33 15.10 -2.96
O2 SO4 D . -0.80 13.43 -2.25
O3 SO4 D . -2.99 13.51 -1.32
O4 SO4 D . -1.39 15.21 -0.78
S SO4 E . 13.15 8.70 -5.36
O1 SO4 E . 14.17 7.66 -5.31
O2 SO4 E . 13.00 9.18 -6.74
O3 SO4 E . 11.87 8.18 -4.89
O4 SO4 E . 13.55 9.82 -4.51
S SO4 F . -2.17 9.04 -2.26
O1 SO4 F . -2.07 7.69 -2.77
O2 SO4 F . -2.20 9.99 -3.36
O3 SO4 F . -3.39 9.18 -1.46
O4 SO4 F . -1.01 9.33 -1.41
S SO4 G . 2.44 -16.75 4.69
O1 SO4 G . 3.55 -17.51 5.24
O2 SO4 G . 1.81 -17.51 3.62
O3 SO4 G . 1.46 -16.48 5.75
O4 SO4 G . 2.93 -15.48 4.16
S SO4 H . 9.34 24.23 8.79
O1 SO4 H . 10.19 25.37 8.46
O2 SO4 H . 9.20 23.39 7.60
O3 SO4 H . 8.02 24.71 9.19
O4 SO4 H . 9.93 23.46 9.87
CL CL I . -11.70 -3.43 14.17
CL CL J . 11.68 -6.44 5.27
CL CL K . 8.93 -5.20 8.28
CL CL L . -14.31 -1.03 4.11
CL CL M . -5.53 7.90 1.24
S SO4 N . -10.10 -12.70 -3.68
O1 SO4 N . -8.81 -12.08 -3.38
O2 SO4 N . -10.03 -13.36 -4.98
O3 SO4 N . -10.42 -13.68 -2.65
O4 SO4 N . -11.13 -11.66 -3.70
S SO4 O . -7.57 3.65 20.76
O1 SO4 O . -7.38 2.25 20.42
O2 SO4 O . -6.41 4.42 20.34
O3 SO4 O . -8.77 4.16 20.11
O4 SO4 O . -7.73 3.77 22.21
#